data_7C4K
#
_entry.id   7C4K
#
_cell.length_a   131.897
_cell.length_b   131.897
_cell.length_c   191.225
_cell.angle_alpha   90.000
_cell.angle_beta   90.000
_cell.angle_gamma   90.000
#
_symmetry.space_group_name_H-M   'I 4 2 2'
#
loop_
_entity.id
_entity.type
_entity.pdbx_description
1 polymer 'Ancestral L-amino acid oxidase'
2 non-polymer 'FLAVIN-ADENINE DINUCLEOTIDE'
3 water water
#
_entity_poly.entity_id   1
_entity_poly.type   'polypeptide(L)'
_entity_poly.pdbx_seq_one_letter_code
;MGTHYKLGSDISQKSIPKEVKVAIVGAGMSGLYSAWRLQSEANVGDLAIFERSDRTGGRLDSDLIEFKDNRAGAEPGSTI
TVKEEQGGMRFLFEGMDDLMALFLKLGLEDQIVPFPMNSGGNNRLYFRGTSFSVNDAEQDDYHIWSALYNLDPSEQGVNP
KDIINVVFNRILQVNPQFDSRPEVRGPEFWQNFRLQCQWQGEPLYNWSLWDLLTDMGYSQECITMLYRVLGFNGTFLSKM
NAGVAYQLLEDFPADVEFRTFKDGFSTLPNALVDKIGKDKIHLQTSIDSIAFDKADSKYVLKYTKIDQSGQVSEGKFKAE
KVILGLPRLALEKLFIASDAFKQLPKKRRDELWDTLQSTSNQPLLKINLYYDTAWWGTGMTGRPAVSFGPNFADLPTGSV
YPFYALNDELAAALMYDERHATPNPDTQHKLDGIDAAKYARPAALTIYCDYLNINFWSALQNKGELYHHPHESELVESIP
SDIFPASEAVVQQATQFFKDIFNTHYVPQPTLTSARIWEGNVNFNVPENLQFGFGVHQWAIGANDKEVIEDLVEPLPNLF
TCGEAYSDYQGWVEGALRSTDLVLQKGFGLAPLSEVYEQDQGRSSSEAIQIAYRKISNKMIMEYIDPNFSPNTKHKVTLA
EVNSVLGVNLSYFDKPEHHHHHH
;
_entity_poly.pdbx_strand_id   A
#
# COMPACT_ATOMS: atom_id res chain seq x y z
N SER A 15 -29.50 -9.25 -8.96
CA SER A 15 -30.55 -8.34 -9.41
C SER A 15 -30.14 -6.85 -9.38
N ILE A 16 -29.97 -6.24 -10.56
CA ILE A 16 -29.51 -4.87 -10.68
C ILE A 16 -30.72 -3.94 -10.60
N PRO A 17 -30.78 -3.02 -9.64
CA PRO A 17 -31.97 -2.19 -9.50
C PRO A 17 -32.18 -1.29 -10.71
N LYS A 18 -33.40 -0.78 -10.82
CA LYS A 18 -33.84 0.02 -11.95
C LYS A 18 -33.33 1.46 -11.84
N GLU A 19 -33.24 1.97 -10.62
CA GLU A 19 -32.79 3.33 -10.33
C GLU A 19 -32.33 3.33 -8.88
N VAL A 20 -31.30 4.10 -8.58
CA VAL A 20 -30.84 4.29 -7.21
C VAL A 20 -30.61 5.78 -7.00
N LYS A 21 -30.64 6.17 -5.72
CA LYS A 21 -30.31 7.56 -5.38
C LYS A 21 -28.84 7.84 -5.67
N VAL A 22 -27.96 6.95 -5.22
CA VAL A 22 -26.50 7.08 -5.37
C VAL A 22 -25.98 5.80 -5.99
N ALA A 23 -25.29 5.91 -7.13
CA ALA A 23 -24.59 4.77 -7.73
C ALA A 23 -23.10 4.92 -7.43
N ILE A 24 -22.53 3.91 -6.80
CA ILE A 24 -21.12 3.91 -6.41
C ILE A 24 -20.38 2.92 -7.30
N VAL A 25 -19.42 3.42 -8.07
CA VAL A 25 -18.65 2.59 -8.99
C VAL A 25 -17.29 2.30 -8.36
N GLY A 26 -17.04 1.02 -8.11
CA GLY A 26 -15.81 0.57 -7.50
C GLY A 26 -16.01 0.14 -6.06
N ALA A 27 -15.70 -1.12 -5.76
CA ALA A 27 -15.75 -1.60 -4.38
C ALA A 27 -14.37 -1.56 -3.72
N GLY A 28 -13.54 -0.59 -4.07
CA GLY A 28 -12.33 -0.35 -3.30
C GLY A 28 -12.68 0.41 -2.03
N MET A 29 -11.64 0.90 -1.38
CA MET A 29 -11.84 1.59 -0.12
C MET A 29 -12.71 2.81 -0.28
N SER A 30 -12.54 3.57 -1.37
CA SER A 30 -13.33 4.79 -1.49
C SER A 30 -14.79 4.49 -1.78
N GLY A 31 -15.07 3.42 -2.53
CA GLY A 31 -16.46 3.06 -2.79
C GLY A 31 -17.15 2.53 -1.56
N LEU A 32 -16.50 1.59 -0.86
CA LEU A 32 -17.04 1.05 0.39
C LEU A 32 -17.23 2.15 1.43
N TYR A 33 -16.22 3.01 1.59
CA TYR A 33 -16.25 4.08 2.59
C TYR A 33 -17.35 5.09 2.29
N SER A 34 -17.55 5.41 1.01
CA SER A 34 -18.65 6.29 0.62
C SER A 34 -20.00 5.73 1.07
N ALA A 35 -20.27 4.46 0.73
CA ALA A 35 -21.55 3.87 1.06
C ALA A 35 -21.76 3.83 2.57
N TRP A 36 -20.72 3.44 3.31
CA TRP A 36 -20.83 3.30 4.76
C TRP A 36 -21.16 4.65 5.41
N ARG A 37 -20.46 5.70 4.99
CA ARG A 37 -20.73 7.01 5.58
C ARG A 37 -22.07 7.56 5.14
N LEU A 38 -22.50 7.23 3.93
CA LEU A 38 -23.79 7.72 3.44
C LEU A 38 -24.94 7.05 4.19
N GLN A 39 -24.89 5.73 4.32
CA GLN A 39 -25.88 5.00 5.10
C GLN A 39 -25.95 5.53 6.52
N SER A 40 -24.79 5.61 7.17
CA SER A 40 -24.73 5.83 8.61
C SER A 40 -24.98 7.28 8.98
N GLU A 41 -24.48 8.23 8.17
CA GLU A 41 -24.53 9.64 8.55
C GLU A 41 -25.48 10.48 7.72
N ALA A 42 -25.92 10.00 6.55
CA ALA A 42 -26.81 10.78 5.70
C ALA A 42 -28.13 10.06 5.42
N ASN A 43 -28.36 8.91 6.06
CA ASN A 43 -29.60 8.14 5.95
C ASN A 43 -29.94 7.78 4.50
N VAL A 44 -28.94 7.67 3.65
CA VAL A 44 -29.12 7.24 2.27
C VAL A 44 -29.12 5.71 2.26
N GLY A 45 -30.28 5.11 2.00
CA GLY A 45 -30.40 3.68 1.97
C GLY A 45 -30.45 3.15 0.55
N ASP A 46 -30.82 4.03 -0.38
CA ASP A 46 -31.02 3.65 -1.79
C ASP A 46 -29.76 3.93 -2.62
N LEU A 47 -28.69 3.23 -2.24
CA LEU A 47 -27.44 3.26 -2.96
C LEU A 47 -27.08 1.83 -3.37
N ALA A 48 -26.18 1.70 -4.33
CA ALA A 48 -25.62 0.40 -4.68
C ALA A 48 -24.19 0.57 -5.18
N ILE A 49 -23.36 -0.43 -4.90
CA ILE A 49 -21.95 -0.46 -5.32
C ILE A 49 -21.82 -1.42 -6.49
N PHE A 50 -21.10 -1.00 -7.53
CA PHE A 50 -20.89 -1.82 -8.72
C PHE A 50 -19.39 -2.05 -8.92
N GLU A 51 -18.96 -3.31 -8.84
CA GLU A 51 -17.56 -3.70 -8.84
C GLU A 51 -17.30 -4.69 -9.95
N ARG A 52 -16.31 -4.38 -10.81
CA ARG A 52 -16.06 -5.19 -11.99
C ARG A 52 -15.48 -6.56 -11.67
N SER A 53 -14.64 -6.64 -10.63
CA SER A 53 -14.01 -7.91 -10.31
C SER A 53 -14.92 -8.76 -9.43
N ASP A 54 -14.44 -9.93 -9.03
CA ASP A 54 -15.18 -10.84 -8.17
C ASP A 54 -14.82 -10.67 -6.70
N ARG A 55 -14.41 -9.48 -6.29
CA ARG A 55 -13.98 -9.33 -4.90
C ARG A 55 -14.12 -7.86 -4.51
N THR A 56 -14.26 -7.63 -3.21
CA THR A 56 -14.20 -6.26 -2.72
C THR A 56 -12.78 -5.93 -2.26
N GLY A 57 -12.51 -4.63 -2.12
CA GLY A 57 -11.30 -4.15 -1.47
C GLY A 57 -10.29 -3.50 -2.39
N GLY A 58 -10.31 -3.78 -3.69
CA GLY A 58 -9.37 -3.17 -4.60
C GLY A 58 -7.92 -3.45 -4.21
N ARG A 59 -7.15 -2.39 -4.00
CA ARG A 59 -5.71 -2.53 -3.76
C ARG A 59 -5.36 -2.92 -2.33
N LEU A 60 -6.36 -3.21 -1.48
CA LEU A 60 -6.19 -3.96 -0.25
C LEU A 60 -6.60 -5.41 -0.52
N ASP A 61 -5.68 -6.35 -0.29
CA ASP A 61 -5.96 -7.74 -0.63
C ASP A 61 -5.08 -8.64 0.25
N SER A 62 -5.63 -9.06 1.38
CA SER A 62 -4.97 -10.00 2.28
C SER A 62 -5.29 -11.45 1.92
N ASP A 63 -4.38 -12.35 2.33
CA ASP A 63 -4.56 -13.79 2.22
C ASP A 63 -4.32 -14.43 3.58
N LEU A 64 -5.21 -15.32 3.97
CA LEU A 64 -5.02 -16.16 5.15
C LEU A 64 -4.87 -17.59 4.66
N ILE A 65 -3.65 -18.12 4.68
CA ILE A 65 -3.39 -19.48 4.24
C ILE A 65 -3.29 -20.38 5.46
N GLU A 66 -4.08 -21.46 5.47
CA GLU A 66 -4.09 -22.42 6.56
C GLU A 66 -3.21 -23.62 6.19
N PHE A 67 -2.08 -23.76 6.86
CA PHE A 67 -1.12 -24.82 6.62
C PHE A 67 -1.44 -26.01 7.51
N LYS A 68 -1.48 -27.20 6.90
CA LYS A 68 -1.43 -28.44 7.67
C LYS A 68 -0.25 -28.42 8.62
N ASP A 69 -0.52 -28.60 9.91
CA ASP A 69 0.54 -28.67 10.92
C ASP A 69 1.22 -30.05 10.85
N ASN A 70 2.40 -30.11 10.22
CA ASN A 70 3.05 -31.37 9.91
C ASN A 70 4.33 -31.62 10.68
N ARG A 71 4.60 -30.87 11.75
CA ARG A 71 5.76 -31.23 12.56
C ARG A 71 5.37 -32.32 13.55
N ALA A 72 6.38 -33.09 13.99
CA ALA A 72 6.16 -34.44 14.51
C ALA A 72 5.06 -34.49 15.57
N GLY A 73 5.16 -33.66 16.60
CA GLY A 73 4.15 -33.63 17.65
C GLY A 73 3.00 -32.68 17.39
N ALA A 74 1.93 -33.17 16.75
CA ALA A 74 0.82 -32.32 16.32
C ALA A 74 -0.53 -32.84 16.82
N GLY A 77 -5.63 -33.09 13.12
CA GLY A 77 -5.62 -32.20 11.97
C GLY A 77 -5.54 -30.72 12.31
N SER A 78 -4.59 -30.36 13.17
CA SER A 78 -4.43 -28.98 13.61
C SER A 78 -3.83 -28.11 12.51
N THR A 79 -4.01 -26.80 12.65
CA THR A 79 -3.73 -25.87 11.56
C THR A 79 -2.88 -24.71 12.06
N ILE A 80 -2.11 -24.12 11.14
CA ILE A 80 -1.33 -22.90 11.37
C ILE A 80 -1.61 -21.92 10.23
N THR A 81 -1.76 -20.64 10.56
CA THR A 81 -2.21 -19.65 9.58
C THR A 81 -1.14 -18.59 9.32
N VAL A 82 -0.86 -18.36 8.04
CA VAL A 82 0.06 -17.31 7.60
C VAL A 82 -0.77 -16.23 6.91
N LYS A 83 -0.77 -15.01 7.48
CA LYS A 83 -1.30 -13.84 6.78
C LYS A 83 -0.27 -13.30 5.79
N GLU A 84 -0.73 -12.94 4.60
CA GLU A 84 0.12 -12.25 3.66
C GLU A 84 -0.69 -11.14 3.03
N GLU A 85 -0.01 -10.25 2.31
CA GLU A 85 -0.65 -9.14 1.63
C GLU A 85 -0.24 -9.13 0.17
N GLN A 86 -1.22 -9.07 -0.73
CA GLN A 86 -0.97 -8.79 -2.13
C GLN A 86 -1.06 -7.32 -2.44
N GLY A 87 -1.68 -6.53 -1.55
CA GLY A 87 -1.66 -5.09 -1.67
C GLY A 87 -1.11 -4.40 -0.43
N GLY A 88 -1.87 -3.43 0.09
CA GLY A 88 -1.43 -2.70 1.26
C GLY A 88 -1.18 -3.60 2.46
N MET A 89 -0.22 -3.18 3.30
CA MET A 89 0.17 -3.97 4.49
C MET A 89 0.35 -3.21 5.80
N ARG A 90 0.36 -1.87 5.82
CA ARG A 90 0.75 -1.20 7.05
C ARG A 90 0.13 0.20 7.13
N PHE A 91 0.16 0.77 8.34
CA PHE A 91 -0.36 2.11 8.55
C PHE A 91 0.31 2.72 9.77
N LEU A 92 -0.03 3.98 10.04
CA LEU A 92 0.54 4.74 11.14
C LEU A 92 -0.56 5.35 12.00
N PHE A 93 -0.28 5.42 13.31
CA PHE A 93 -1.19 6.05 14.25
C PHE A 93 -1.22 7.56 14.10
N GLU A 94 -0.18 8.17 13.53
CA GLU A 94 -0.13 9.61 13.36
C GLU A 94 -0.22 9.96 11.88
N GLY A 95 -0.84 11.10 11.57
CA GLY A 95 -0.96 11.55 10.20
C GLY A 95 -1.98 10.79 9.36
N MET A 96 -2.77 9.88 9.97
CA MET A 96 -3.78 9.11 9.25
C MET A 96 -5.12 9.20 9.98
N ASP A 97 -5.61 10.44 10.12
CA ASP A 97 -6.68 10.73 11.06
C ASP A 97 -8.02 10.10 10.63
N ASP A 98 -8.32 10.12 9.32
CA ASP A 98 -9.54 9.46 8.86
C ASP A 98 -9.47 7.96 9.11
N LEU A 99 -8.32 7.34 8.81
CA LEU A 99 -8.15 5.90 8.97
C LEU A 99 -8.29 5.50 10.44
N MET A 100 -7.65 6.24 11.33
CA MET A 100 -7.76 5.93 12.76
C MET A 100 -9.20 6.07 13.22
N ALA A 101 -9.84 7.20 12.88
CA ALA A 101 -11.25 7.38 13.20
C ALA A 101 -12.08 6.24 12.64
N LEU A 102 -11.76 5.81 11.42
CA LEU A 102 -12.49 4.71 10.80
C LEU A 102 -12.29 3.40 11.56
N PHE A 103 -11.06 3.11 11.98
CA PHE A 103 -10.81 1.90 12.77
C PHE A 103 -11.63 1.91 14.06
N LEU A 104 -11.64 3.05 14.75
CA LEU A 104 -12.30 3.12 16.06
C LEU A 104 -13.81 2.94 15.93
N LYS A 105 -14.41 3.63 14.95
CA LYS A 105 -15.85 3.50 14.73
C LYS A 105 -16.25 2.08 14.34
N LEU A 106 -15.38 1.33 13.67
CA LEU A 106 -15.65 -0.06 13.33
C LEU A 106 -15.22 -1.03 14.43
N GLY A 107 -14.69 -0.52 15.55
CA GLY A 107 -14.17 -1.37 16.62
C GLY A 107 -13.08 -2.33 16.20
N LEU A 108 -12.23 -1.94 15.25
CA LEU A 108 -11.15 -2.83 14.82
C LEU A 108 -9.85 -2.61 15.58
N GLU A 109 -9.83 -1.71 16.57
CA GLU A 109 -8.58 -1.40 17.25
C GLU A 109 -7.97 -2.60 17.94
N ASP A 110 -8.81 -3.53 18.45
CA ASP A 110 -8.24 -4.65 19.18
C ASP A 110 -7.49 -5.66 18.28
N GLN A 111 -7.57 -5.52 16.96
CA GLN A 111 -6.85 -6.42 16.06
C GLN A 111 -5.53 -5.83 15.56
N ILE A 112 -5.13 -4.67 16.06
CA ILE A 112 -3.93 -3.99 15.59
C ILE A 112 -2.70 -4.59 16.25
N VAL A 113 -1.71 -4.94 15.44
CA VAL A 113 -0.47 -5.57 15.92
C VAL A 113 0.72 -4.82 15.32
N PRO A 114 1.94 -5.01 15.83
CA PRO A 114 3.09 -4.32 15.25
C PRO A 114 3.38 -4.78 13.83
N PHE A 115 3.90 -3.86 13.03
CA PHE A 115 4.54 -4.18 11.76
C PHE A 115 5.99 -3.74 11.89
N PRO A 116 6.87 -4.60 12.41
CA PRO A 116 8.25 -4.18 12.68
C PRO A 116 9.02 -3.97 11.39
N MET A 117 9.98 -3.05 11.44
CA MET A 117 10.67 -2.64 10.21
C MET A 117 12.19 -2.83 10.26
N ASN A 118 12.74 -3.49 11.28
CA ASN A 118 14.16 -3.78 11.27
C ASN A 118 14.41 -5.06 12.04
N SER A 119 15.64 -5.58 11.91
CA SER A 119 16.16 -6.69 12.71
C SER A 119 17.41 -6.30 13.51
N GLY A 120 17.36 -5.16 14.19
CA GLY A 120 18.51 -4.72 14.98
C GLY A 120 19.80 -4.64 14.21
N GLY A 121 19.73 -4.39 12.90
CA GLY A 121 20.90 -4.30 12.06
C GLY A 121 21.23 -5.54 11.26
N ASN A 122 20.48 -6.63 11.41
CA ASN A 122 20.75 -7.87 10.68
C ASN A 122 20.05 -7.96 9.34
N ASN A 123 19.25 -6.96 8.95
CA ASN A 123 18.60 -7.04 7.65
C ASN A 123 19.65 -7.02 6.55
N ARG A 124 19.30 -7.60 5.41
CA ARG A 124 20.24 -7.84 4.33
C ARG A 124 20.25 -6.67 3.33
N LEU A 125 21.41 -6.44 2.74
CA LEU A 125 21.59 -5.51 1.64
C LEU A 125 22.43 -6.20 0.57
N TYR A 126 22.01 -6.08 -0.70
CA TYR A 126 22.76 -6.66 -1.81
C TYR A 126 22.97 -5.58 -2.87
N PHE A 127 24.20 -5.12 -3.03
CA PHE A 127 24.46 -4.09 -4.02
C PHE A 127 25.75 -4.38 -4.75
N ARG A 128 25.67 -4.24 -6.08
CA ARG A 128 26.80 -4.47 -6.96
C ARG A 128 27.53 -5.77 -6.65
N GLY A 129 26.77 -6.87 -6.63
CA GLY A 129 27.32 -8.21 -6.48
C GLY A 129 27.79 -8.56 -5.08
N THR A 130 27.44 -7.77 -4.08
CA THR A 130 27.97 -7.93 -2.74
C THR A 130 26.81 -8.03 -1.76
N SER A 131 26.87 -9.03 -0.88
CA SER A 131 25.85 -9.27 0.12
C SER A 131 26.38 -8.91 1.50
N PHE A 132 25.59 -8.15 2.25
CA PHE A 132 26.03 -7.67 3.55
C PHE A 132 24.81 -7.27 4.38
N SER A 133 25.06 -6.93 5.64
CA SER A 133 24.01 -6.53 6.56
C SER A 133 23.97 -5.03 6.76
N VAL A 134 22.85 -4.55 7.28
CA VAL A 134 22.75 -3.17 7.73
C VAL A 134 23.86 -2.83 8.73
N ASN A 135 24.16 -3.74 9.66
CA ASN A 135 25.24 -3.45 10.59
C ASN A 135 26.58 -3.35 9.88
N ASP A 136 26.86 -4.28 8.94
CA ASP A 136 28.09 -4.20 8.14
C ASP A 136 28.25 -2.85 7.46
N ALA A 137 27.13 -2.28 6.98
CA ALA A 137 27.21 -1.09 6.13
C ALA A 137 27.61 0.14 6.93
N GLU A 138 27.27 0.18 8.23
CA GLU A 138 27.68 1.31 9.07
C GLU A 138 29.16 1.27 9.43
N GLN A 139 29.79 0.09 9.38
CA GLN A 139 31.16 -0.06 9.87
C GLN A 139 32.10 0.91 9.17
N ASP A 140 33.11 1.38 9.92
CA ASP A 140 34.22 2.13 9.34
C ASP A 140 33.71 3.35 8.58
N ASP A 141 32.81 4.09 9.21
CA ASP A 141 32.22 5.30 8.64
C ASP A 141 31.55 5.02 7.30
N TYR A 142 30.66 4.02 7.30
CA TYR A 142 29.88 3.70 6.10
C TYR A 142 30.79 3.38 4.93
N HIS A 143 31.91 2.73 5.22
CA HIS A 143 32.94 2.56 4.21
C HIS A 143 32.43 1.79 3.01
N ILE A 144 31.56 0.81 3.23
CA ILE A 144 31.18 -0.09 2.14
C ILE A 144 30.56 0.69 0.98
N TRP A 145 29.80 1.76 1.27
CA TRP A 145 29.19 2.51 0.17
C TRP A 145 30.25 3.22 -0.67
N SER A 146 31.32 3.71 -0.02
CA SER A 146 32.43 4.32 -0.74
C SER A 146 33.24 3.29 -1.54
N ALA A 147 33.20 2.02 -1.15
CA ALA A 147 33.88 0.98 -1.91
C ALA A 147 33.03 0.48 -3.07
N LEU A 148 31.70 0.55 -2.93
CA LEU A 148 30.80 0.04 -3.96
C LEU A 148 30.42 1.11 -4.99
N TYR A 149 30.47 2.38 -4.61
CA TYR A 149 30.07 3.46 -5.50
C TYR A 149 31.16 4.52 -5.57
N ASN A 150 31.37 5.06 -6.76
CA ASN A 150 32.43 6.05 -6.95
C ASN A 150 31.85 7.42 -6.57
N LEU A 151 31.86 7.67 -5.27
CA LEU A 151 31.19 8.83 -4.69
C LEU A 151 32.13 10.02 -4.57
N ASP A 152 31.55 11.22 -4.68
CA ASP A 152 32.28 12.46 -4.39
C ASP A 152 32.65 12.51 -2.91
N PRO A 153 33.67 13.31 -2.55
CA PRO A 153 34.01 13.45 -1.11
C PRO A 153 32.82 13.85 -0.24
N SER A 154 32.01 14.82 -0.67
CA SER A 154 30.86 15.20 0.15
C SER A 154 29.77 14.14 0.18
N GLU A 155 29.91 13.04 -0.55
CA GLU A 155 28.93 11.98 -0.54
C GLU A 155 29.40 10.75 0.23
N GLN A 156 30.62 10.75 0.75
CA GLN A 156 31.18 9.58 1.44
C GLN A 156 31.05 9.71 2.96
N GLY A 157 31.11 8.56 3.63
CA GLY A 157 31.15 8.59 5.08
C GLY A 157 29.85 9.01 5.75
N VAL A 158 28.73 8.92 5.04
CA VAL A 158 27.41 9.21 5.59
C VAL A 158 26.48 8.08 5.22
N ASN A 159 25.51 7.82 6.08
CA ASN A 159 24.46 6.86 5.80
C ASN A 159 23.65 7.35 4.59
N PRO A 160 23.53 6.57 3.51
CA PRO A 160 22.85 7.07 2.29
C PRO A 160 21.51 7.74 2.54
N LYS A 161 20.65 7.16 3.37
CA LYS A 161 19.35 7.75 3.57
C LYS A 161 19.44 9.10 4.26
N ASP A 162 20.50 9.36 5.03
CA ASP A 162 20.70 10.69 5.59
C ASP A 162 21.05 11.74 4.53
N ILE A 163 21.47 11.34 3.33
CA ILE A 163 21.58 12.32 2.25
C ILE A 163 20.20 12.85 1.89
N ILE A 164 19.21 11.96 1.81
CA ILE A 164 17.85 12.39 1.55
C ILE A 164 17.38 13.35 2.64
N ASN A 165 17.60 12.98 3.90
CA ASN A 165 17.19 13.83 5.03
C ASN A 165 17.86 15.21 4.95
N VAL A 166 19.17 15.23 4.71
CA VAL A 166 19.90 16.50 4.70
C VAL A 166 19.36 17.40 3.61
N VAL A 167 19.18 16.85 2.40
CA VAL A 167 18.65 17.63 1.27
C VAL A 167 17.27 18.19 1.62
N PHE A 168 16.43 17.39 2.27
CA PHE A 168 15.15 17.89 2.76
C PHE A 168 15.33 19.09 3.70
N ASN A 169 16.22 18.96 4.70
CA ASN A 169 16.53 20.10 5.59
C ASN A 169 16.97 21.33 4.80
N ARG A 170 17.78 21.16 3.76
CA ARG A 170 18.23 22.30 2.97
C ARG A 170 17.07 22.94 2.22
N ILE A 171 16.15 22.13 1.69
CA ILE A 171 14.97 22.68 1.04
C ILE A 171 14.19 23.56 2.02
N LEU A 172 13.96 23.05 3.23
CA LEU A 172 13.25 23.84 4.23
C LEU A 172 14.00 25.13 4.55
N GLN A 173 15.33 25.05 4.65
CA GLN A 173 16.11 26.20 5.06
C GLN A 173 15.99 27.37 4.07
N VAL A 174 15.93 27.08 2.77
CA VAL A 174 15.91 28.18 1.80
C VAL A 174 14.48 28.61 1.49
N ASN A 175 13.51 28.07 2.22
CA ASN A 175 12.11 28.47 2.06
C ASN A 175 11.56 28.90 3.42
N PRO A 176 12.07 30.00 3.97
CA PRO A 176 11.63 30.42 5.32
C PRO A 176 10.19 30.88 5.37
N GLN A 177 9.66 31.42 4.26
CA GLN A 177 8.24 31.71 4.18
C GLN A 177 7.38 30.48 4.46
N PHE A 178 7.93 29.29 4.28
CA PHE A 178 7.20 28.05 4.47
C PHE A 178 7.34 27.61 5.93
N ASP A 179 6.19 27.47 6.61
CA ASP A 179 6.15 27.33 8.06
C ASP A 179 7.13 26.29 8.61
N SER A 180 6.89 25.00 8.28
CA SER A 180 7.79 23.90 8.65
C SER A 180 7.89 23.72 10.17
N ARG A 181 6.73 23.73 10.84
CA ARG A 181 6.73 23.55 12.31
C ARG A 181 5.75 22.53 12.90
N PRO A 182 4.68 22.08 12.23
CA PRO A 182 3.84 21.05 12.85
C PRO A 182 4.64 19.78 13.14
N GLU A 183 4.45 19.22 14.34
CA GLU A 183 5.15 17.99 14.67
C GLU A 183 4.44 16.76 14.12
N VAL A 184 3.19 16.88 13.68
CA VAL A 184 2.59 15.89 12.81
C VAL A 184 2.55 16.50 11.40
N ARG A 185 3.43 16.02 10.53
CA ARG A 185 3.55 16.51 9.16
C ARG A 185 2.57 15.75 8.27
N GLY A 186 1.38 16.32 8.08
CA GLY A 186 0.30 15.67 7.37
C GLY A 186 0.12 16.19 5.96
N PRO A 187 -0.99 15.76 5.32
CA PRO A 187 -1.14 16.02 3.88
C PRO A 187 -1.12 17.49 3.52
N GLU A 188 -1.67 18.35 4.39
CA GLU A 188 -1.61 19.78 4.14
C GLU A 188 -0.17 20.28 4.14
N PHE A 189 0.62 19.86 5.14
CA PHE A 189 2.03 20.19 5.15
C PHE A 189 2.68 19.80 3.83
N TRP A 190 2.43 18.55 3.40
CA TRP A 190 3.12 18.05 2.21
C TRP A 190 2.62 18.71 0.94
N GLN A 191 1.35 19.06 0.87
CA GLN A 191 0.87 19.83 -0.27
C GLN A 191 1.53 21.20 -0.34
N ASN A 192 1.63 21.89 0.80
CA ASN A 192 2.25 23.21 0.81
C ASN A 192 3.75 23.11 0.53
N PHE A 193 4.37 22.02 0.99
CA PHE A 193 5.78 21.77 0.67
C PHE A 193 6.01 21.71 -0.84
N ARG A 194 5.18 20.95 -1.57
CA ARG A 194 5.47 20.80 -2.99
C ARG A 194 4.95 21.96 -3.81
N LEU A 195 3.97 22.71 -3.32
CA LEU A 195 3.41 23.81 -4.09
C LEU A 195 4.02 25.15 -3.74
N GLN A 196 4.61 25.30 -2.55
CA GLN A 196 5.14 26.59 -2.12
C GLN A 196 6.66 26.65 -2.12
N CYS A 197 7.36 25.57 -1.75
CA CYS A 197 8.81 25.60 -1.75
C CYS A 197 9.39 25.61 -3.16
N GLN A 198 10.53 26.26 -3.29
CA GLN A 198 11.26 26.36 -4.54
C GLN A 198 12.69 25.93 -4.32
N TRP A 199 13.35 25.58 -5.42
CA TRP A 199 14.80 25.48 -5.47
C TRP A 199 15.25 26.26 -6.68
N GLN A 200 16.19 27.17 -6.48
CA GLN A 200 16.66 28.05 -7.56
C GLN A 200 15.50 28.68 -8.30
N GLY A 201 14.55 29.23 -7.54
CA GLY A 201 13.46 29.97 -8.12
C GLY A 201 12.37 29.15 -8.78
N GLU A 202 12.57 27.84 -8.98
CA GLU A 202 11.48 27.05 -9.52
C GLU A 202 10.84 26.21 -8.41
N PRO A 203 9.51 26.16 -8.34
CA PRO A 203 8.87 25.40 -7.26
C PRO A 203 8.99 23.90 -7.45
N LEU A 204 8.97 23.19 -6.31
CA LEU A 204 9.29 21.77 -6.29
C LEU A 204 8.40 20.94 -7.21
N TYR A 205 7.15 21.35 -7.44
CA TYR A 205 6.35 20.50 -8.30
C TYR A 205 6.71 20.66 -9.78
N ASN A 206 7.59 21.60 -10.12
CA ASN A 206 8.17 21.67 -11.46
C ASN A 206 9.50 20.95 -11.56
N TRP A 207 9.97 20.38 -10.47
CA TRP A 207 11.25 19.69 -10.40
C TRP A 207 11.02 18.19 -10.41
N SER A 208 11.90 17.45 -11.09
CA SER A 208 12.02 16.04 -10.79
C SER A 208 13.11 15.84 -9.75
N LEU A 209 12.94 14.82 -8.91
CA LEU A 209 13.96 14.52 -7.91
C LEU A 209 15.32 14.29 -8.56
N TRP A 210 15.34 13.56 -9.67
CA TRP A 210 16.58 13.27 -10.38
C TRP A 210 17.28 14.56 -10.83
N ASP A 211 16.54 15.46 -11.49
CA ASP A 211 17.12 16.75 -11.86
C ASP A 211 17.57 17.53 -10.62
N LEU A 212 16.79 17.48 -9.55
CA LEU A 212 17.06 18.30 -8.37
C LEU A 212 18.42 17.93 -7.75
N LEU A 213 18.60 16.65 -7.45
CA LEU A 213 19.86 16.22 -6.84
C LEU A 213 21.02 16.51 -7.77
N THR A 214 20.83 16.28 -9.07
CA THR A 214 21.87 16.61 -10.04
C THR A 214 22.21 18.08 -9.99
N ASP A 215 21.19 18.94 -10.04
CA ASP A 215 21.46 20.37 -9.98
C ASP A 215 22.12 20.74 -8.67
N MET A 216 21.82 20.02 -7.58
CA MET A 216 22.49 20.31 -6.32
C MET A 216 23.93 19.81 -6.31
N GLY A 217 24.39 19.12 -7.34
CA GLY A 217 25.78 18.74 -7.44
C GLY A 217 26.10 17.30 -7.11
N TYR A 218 25.09 16.46 -6.86
CA TYR A 218 25.32 15.05 -6.57
C TYR A 218 25.73 14.29 -7.81
N SER A 219 26.64 13.33 -7.62
CA SER A 219 27.11 12.50 -8.71
C SER A 219 26.00 11.56 -9.17
N GLN A 220 26.05 11.15 -10.43
CA GLN A 220 25.11 10.11 -10.85
C GLN A 220 25.34 8.81 -10.07
N GLU A 221 26.59 8.54 -9.67
CA GLU A 221 26.88 7.38 -8.82
C GLU A 221 26.10 7.45 -7.51
N CYS A 222 26.11 8.61 -6.88
CA CYS A 222 25.38 8.76 -5.61
C CYS A 222 23.88 8.67 -5.84
N ILE A 223 23.38 9.24 -6.93
CA ILE A 223 21.95 9.21 -7.20
C ILE A 223 21.49 7.78 -7.41
N THR A 224 22.26 7.00 -8.19
CA THR A 224 21.96 5.59 -8.38
C THR A 224 22.01 4.82 -7.06
N MET A 225 23.03 5.08 -6.24
CA MET A 225 23.03 4.47 -4.92
C MET A 225 21.75 4.81 -4.16
N LEU A 226 21.28 6.05 -4.25
CA LEU A 226 20.10 6.44 -3.50
C LEU A 226 18.86 5.71 -3.99
N TYR A 227 18.63 5.66 -5.30
CA TYR A 227 17.40 5.02 -5.75
C TYR A 227 17.47 3.51 -5.66
N ARG A 228 18.66 2.91 -5.62
CA ARG A 228 18.75 1.47 -5.35
C ARG A 228 18.60 1.14 -3.87
N VAL A 229 19.24 1.93 -3.00
CA VAL A 229 19.23 1.64 -1.56
C VAL A 229 17.83 1.76 -0.96
N LEU A 230 17.02 2.68 -1.48
CA LEU A 230 15.64 2.83 -1.04
C LEU A 230 14.70 1.76 -1.61
N GLY A 231 15.18 0.87 -2.48
CA GLY A 231 14.38 -0.22 -2.99
C GLY A 231 13.24 0.18 -3.90
N PHE A 232 12.87 1.47 -3.94
CA PHE A 232 11.85 1.96 -4.84
C PHE A 232 12.40 3.16 -5.60
N ASN A 233 12.43 3.06 -6.93
CA ASN A 233 13.16 3.99 -7.76
C ASN A 233 12.27 4.95 -8.55
N GLY A 234 10.94 4.77 -8.50
CA GLY A 234 10.05 5.67 -9.22
C GLY A 234 10.14 7.10 -8.75
N THR A 235 10.38 7.28 -7.45
CA THR A 235 10.64 8.61 -6.91
C THR A 235 11.75 9.32 -7.65
N PHE A 236 12.72 8.58 -8.17
CA PHE A 236 13.81 9.19 -8.93
C PHE A 236 13.60 9.14 -10.43
N LEU A 237 13.15 8.01 -10.97
CA LEU A 237 13.25 7.78 -12.40
C LEU A 237 11.93 7.97 -13.15
N SER A 238 10.82 8.19 -12.47
CA SER A 238 9.51 8.29 -13.10
C SER A 238 9.18 9.77 -13.37
N LYS A 239 7.94 10.03 -13.76
CA LYS A 239 7.48 11.38 -14.05
C LYS A 239 6.86 12.08 -12.84
N MET A 240 6.86 11.46 -11.66
CA MET A 240 6.39 12.19 -10.48
C MET A 240 7.34 13.35 -10.16
N ASN A 241 6.78 14.40 -9.55
CA ASN A 241 7.59 15.57 -9.26
C ASN A 241 8.34 15.40 -7.95
N ALA A 242 9.38 16.22 -7.76
CA ALA A 242 10.26 16.05 -6.61
C ALA A 242 9.50 16.29 -5.30
N GLY A 243 8.54 17.21 -5.32
CA GLY A 243 7.85 17.57 -4.09
C GLY A 243 7.06 16.41 -3.52
N VAL A 244 6.31 15.71 -4.38
CA VAL A 244 5.55 14.57 -3.90
C VAL A 244 6.47 13.38 -3.70
N ALA A 245 7.59 13.30 -4.42
CA ALA A 245 8.58 12.27 -4.12
C ALA A 245 9.04 12.38 -2.67
N TYR A 246 9.21 13.60 -2.17
CA TYR A 246 9.69 13.80 -0.81
C TYR A 246 8.62 13.46 0.23
N GLN A 247 7.35 13.70 -0.07
CA GLN A 247 6.30 13.20 0.82
C GLN A 247 6.45 11.70 1.06
N LEU A 248 6.80 10.96 0.01
CA LEU A 248 6.95 9.52 0.13
C LEU A 248 8.26 9.13 0.85
N LEU A 249 9.37 9.82 0.55
CA LEU A 249 10.65 9.46 1.14
C LEU A 249 10.71 9.78 2.62
N GLU A 250 10.03 10.83 3.05
CA GLU A 250 9.94 11.19 4.45
C GLU A 250 8.64 10.67 5.04
N ASP A 251 8.33 9.42 4.70
CA ASP A 251 7.30 8.64 5.37
C ASP A 251 7.87 7.49 6.16
N PHE A 252 9.15 7.16 5.94
CA PHE A 252 9.83 6.03 6.58
C PHE A 252 11.01 6.54 7.41
N PRO A 253 10.76 7.26 8.51
CA PRO A 253 11.89 7.59 9.41
C PRO A 253 12.50 6.33 10.00
N ALA A 254 13.61 6.53 10.73
CA ALA A 254 14.18 5.42 11.48
C ALA A 254 13.30 5.07 12.68
N ASP A 255 12.66 6.05 13.29
CA ASP A 255 11.82 5.85 14.47
C ASP A 255 10.38 5.51 14.09
N VAL A 256 10.18 4.89 12.92
CA VAL A 256 8.85 4.46 12.53
C VAL A 256 8.35 3.40 13.49
N GLU A 257 7.10 3.51 13.92
CA GLU A 257 6.39 2.35 14.42
C GLU A 257 5.12 2.17 13.58
N PHE A 258 5.26 1.42 12.49
CA PHE A 258 4.12 0.98 11.69
C PHE A 258 3.33 -0.07 12.45
N ARG A 259 2.04 -0.15 12.13
CA ARG A 259 1.17 -1.21 12.61
C ARG A 259 0.41 -1.81 11.43
N THR A 260 -0.24 -2.95 11.69
CA THR A 260 -1.10 -3.61 10.71
C THR A 260 -2.20 -4.33 11.49
N PHE A 261 -3.03 -5.06 10.76
CA PHE A 261 -4.05 -5.90 11.36
C PHE A 261 -3.57 -7.34 11.36
N LYS A 262 -3.85 -8.06 12.45
CA LYS A 262 -3.44 -9.46 12.57
C LYS A 262 -3.85 -10.26 11.33
N ASP A 263 -5.10 -10.15 10.92
CA ASP A 263 -5.61 -10.90 9.78
C ASP A 263 -5.45 -10.17 8.45
N GLY A 264 -4.71 -9.06 8.45
CA GLY A 264 -4.38 -8.36 7.23
C GLY A 264 -5.26 -7.14 7.01
N PHE A 265 -4.77 -6.23 6.16
CA PHE A 265 -5.51 -5.01 5.84
C PHE A 265 -6.93 -5.28 5.34
N SER A 266 -7.20 -6.48 4.80
CA SER A 266 -8.54 -6.82 4.31
C SER A 266 -9.58 -6.81 5.42
N THR A 267 -9.17 -7.00 6.68
CA THR A 267 -10.02 -6.78 7.84
C THR A 267 -10.88 -5.53 7.68
N LEU A 268 -10.28 -4.46 7.17
CA LEU A 268 -11.00 -3.18 7.09
C LEU A 268 -12.11 -3.21 6.06
N PRO A 269 -11.85 -3.48 4.77
CA PRO A 269 -12.97 -3.52 3.82
C PRO A 269 -14.00 -4.61 4.14
N ASN A 270 -13.55 -5.77 4.63
CA ASN A 270 -14.51 -6.80 5.06
C ASN A 270 -15.44 -6.27 6.13
N ALA A 271 -14.91 -5.50 7.08
CA ALA A 271 -15.76 -4.90 8.11
C ALA A 271 -16.72 -3.89 7.49
N LEU A 272 -16.24 -3.08 6.52
CA LEU A 272 -17.14 -2.17 5.82
C LEU A 272 -18.25 -2.94 5.10
N VAL A 273 -17.94 -4.10 4.52
CA VAL A 273 -18.96 -4.82 3.77
C VAL A 273 -20.02 -5.38 4.73
N ASP A 274 -19.61 -5.85 5.90
CA ASP A 274 -20.57 -6.28 6.91
C ASP A 274 -21.57 -5.18 7.24
N LYS A 275 -21.10 -3.96 7.46
CA LYS A 275 -22.00 -2.85 7.77
C LYS A 275 -22.88 -2.48 6.58
N ILE A 276 -22.36 -2.59 5.36
CA ILE A 276 -23.09 -2.12 4.19
C ILE A 276 -24.18 -3.11 3.80
N GLY A 277 -23.83 -4.40 3.77
CA GLY A 277 -24.74 -5.41 3.28
C GLY A 277 -24.40 -5.88 1.88
N LYS A 278 -24.21 -7.20 1.76
CA LYS A 278 -23.83 -7.80 0.49
C LYS A 278 -24.86 -7.53 -0.60
N ASP A 279 -26.12 -7.29 -0.23
CA ASP A 279 -27.20 -7.11 -1.19
C ASP A 279 -27.09 -5.80 -1.96
N LYS A 280 -26.37 -4.82 -1.43
CA LYS A 280 -26.19 -3.56 -2.12
C LYS A 280 -24.89 -3.51 -2.90
N ILE A 281 -24.17 -4.62 -2.98
CA ILE A 281 -22.88 -4.69 -3.65
C ILE A 281 -22.97 -5.68 -4.80
N HIS A 282 -22.73 -5.19 -6.00
CA HIS A 282 -22.89 -6.01 -7.22
C HIS A 282 -21.52 -6.31 -7.80
N LEU A 283 -21.02 -7.51 -7.52
CA LEU A 283 -19.74 -7.93 -8.05
C LEU A 283 -19.88 -8.30 -9.52
N GLN A 284 -18.72 -8.46 -10.18
CA GLN A 284 -18.64 -8.84 -11.58
C GLN A 284 -19.58 -8.00 -12.43
N THR A 285 -19.65 -6.72 -12.12
CA THR A 285 -20.51 -5.76 -12.80
C THR A 285 -19.67 -4.54 -13.15
N SER A 286 -19.19 -4.47 -14.39
CA SER A 286 -18.39 -3.35 -14.85
C SER A 286 -19.30 -2.24 -15.36
N ILE A 287 -19.00 -1.01 -14.98
CA ILE A 287 -19.72 0.15 -15.51
C ILE A 287 -18.98 0.57 -16.78
N ASP A 288 -19.64 0.39 -17.94
CA ASP A 288 -19.01 0.61 -19.24
C ASP A 288 -19.05 2.07 -19.67
N SER A 289 -20.18 2.75 -19.49
CA SER A 289 -20.29 4.14 -19.96
C SER A 289 -21.44 4.82 -19.23
N ILE A 290 -21.46 6.14 -19.31
CA ILE A 290 -22.38 6.96 -18.54
C ILE A 290 -22.96 8.03 -19.43
N ALA A 291 -24.28 8.18 -19.38
CA ALA A 291 -24.96 9.27 -20.06
C ALA A 291 -25.96 9.90 -19.11
N PHE A 292 -26.45 11.08 -19.51
CA PHE A 292 -27.38 11.87 -18.72
C PHE A 292 -28.69 11.96 -19.46
N ASP A 293 -29.77 11.52 -18.82
CA ASP A 293 -31.15 11.68 -19.30
C ASP A 293 -31.60 13.08 -18.89
N LYS A 294 -31.56 14.02 -19.85
CA LYS A 294 -31.95 15.41 -19.59
C LYS A 294 -33.42 15.52 -19.16
N ALA A 295 -34.26 14.56 -19.58
CA ALA A 295 -35.68 14.64 -19.29
C ALA A 295 -35.97 14.51 -17.80
N ASP A 296 -35.53 13.41 -17.18
CA ASP A 296 -35.78 13.18 -15.77
C ASP A 296 -34.57 13.52 -14.89
N SER A 297 -33.58 14.24 -15.42
CA SER A 297 -32.43 14.72 -14.64
C SER A 297 -31.76 13.58 -13.88
N LYS A 298 -31.35 12.57 -14.64
CA LYS A 298 -30.80 11.35 -14.10
C LYS A 298 -29.63 10.91 -14.98
N TYR A 299 -28.59 10.37 -14.35
CA TYR A 299 -27.54 9.69 -15.10
C TYR A 299 -28.04 8.30 -15.48
N VAL A 300 -27.53 7.78 -16.59
CA VAL A 300 -27.86 6.44 -17.04
C VAL A 300 -26.55 5.68 -17.20
N LEU A 301 -26.48 4.47 -16.61
CA LEU A 301 -25.23 3.73 -16.48
C LEU A 301 -25.29 2.40 -17.22
N LYS A 302 -24.51 2.29 -18.29
CA LYS A 302 -24.38 1.02 -19.01
C LYS A 302 -23.42 0.11 -18.26
N TYR A 303 -23.83 -1.14 -18.04
CA TYR A 303 -23.00 -2.10 -17.35
C TYR A 303 -22.93 -3.40 -18.14
N THR A 304 -21.96 -4.22 -17.77
CA THR A 304 -21.84 -5.59 -18.26
C THR A 304 -21.63 -6.46 -17.04
N LYS A 305 -22.59 -7.35 -16.77
CA LYS A 305 -22.56 -8.27 -15.65
C LYS A 305 -22.17 -9.65 -16.12
N ILE A 306 -21.51 -10.40 -15.24
CA ILE A 306 -21.15 -11.78 -15.51
C ILE A 306 -21.76 -12.65 -14.44
N ASP A 307 -22.67 -13.54 -14.85
CA ASP A 307 -23.28 -14.49 -13.94
C ASP A 307 -22.23 -15.42 -13.34
N GLN A 308 -22.66 -16.20 -12.34
CA GLN A 308 -21.84 -17.25 -11.77
C GLN A 308 -21.60 -18.38 -12.76
N SER A 309 -22.50 -18.54 -13.73
CA SER A 309 -22.26 -19.48 -14.83
C SER A 309 -21.16 -18.98 -15.75
N GLY A 310 -20.99 -17.67 -15.83
CA GLY A 310 -20.25 -17.04 -16.90
C GLY A 310 -21.14 -16.41 -17.95
N GLN A 311 -22.46 -16.46 -17.77
CA GLN A 311 -23.40 -15.92 -18.75
C GLN A 311 -23.38 -14.40 -18.69
N VAL A 312 -22.83 -13.78 -19.74
CA VAL A 312 -22.75 -12.32 -19.80
C VAL A 312 -24.15 -11.72 -19.97
N SER A 313 -24.27 -10.46 -19.58
CA SER A 313 -25.55 -9.74 -19.69
C SER A 313 -25.27 -8.25 -19.64
N GLU A 314 -25.66 -7.53 -20.69
CA GLU A 314 -25.58 -6.08 -20.71
C GLU A 314 -26.89 -5.48 -20.19
N GLY A 315 -26.82 -4.23 -19.76
CA GLY A 315 -27.99 -3.58 -19.20
C GLY A 315 -27.69 -2.13 -18.88
N LYS A 316 -28.71 -1.47 -18.32
CA LYS A 316 -28.65 -0.05 -18.03
C LYS A 316 -29.45 0.21 -16.77
N PHE A 317 -29.14 1.32 -16.11
CA PHE A 317 -29.93 1.77 -14.98
C PHE A 317 -29.64 3.24 -14.75
N LYS A 318 -30.45 3.86 -13.89
CA LYS A 318 -30.38 5.29 -13.65
C LYS A 318 -29.92 5.58 -12.23
N ALA A 319 -29.36 6.77 -12.04
CA ALA A 319 -28.93 7.20 -10.72
C ALA A 319 -29.01 8.72 -10.63
N GLU A 320 -29.46 9.20 -9.47
CA GLU A 320 -29.52 10.64 -9.22
C GLU A 320 -28.11 11.20 -9.05
N LYS A 321 -27.30 10.56 -8.21
CA LYS A 321 -25.90 10.92 -8.06
C LYS A 321 -25.00 9.72 -8.35
N VAL A 322 -23.85 10.00 -8.95
CA VAL A 322 -22.87 8.97 -9.32
C VAL A 322 -21.56 9.28 -8.60
N ILE A 323 -21.03 8.31 -7.88
CA ILE A 323 -19.73 8.44 -7.22
C ILE A 323 -18.76 7.48 -7.90
N LEU A 324 -17.76 8.03 -8.58
CA LEU A 324 -16.73 7.20 -9.24
C LEU A 324 -15.57 7.05 -8.26
N GLY A 325 -15.55 5.92 -7.54
CA GLY A 325 -14.40 5.63 -6.69
C GLY A 325 -13.32 4.91 -7.47
N LEU A 326 -12.67 5.63 -8.40
CA LEU A 326 -11.86 4.98 -9.43
C LEU A 326 -10.54 5.74 -9.62
N PRO A 327 -9.47 5.04 -9.92
CA PRO A 327 -8.18 5.68 -10.23
C PRO A 327 -8.12 6.15 -11.68
N ARG A 328 -6.96 6.76 -12.01
CA ARG A 328 -6.74 7.40 -13.32
C ARG A 328 -7.18 6.53 -14.49
N LEU A 329 -6.66 5.31 -14.60
CA LEU A 329 -6.89 4.54 -15.82
C LEU A 329 -8.36 4.20 -16.00
N ALA A 330 -9.04 3.81 -14.92
CA ALA A 330 -10.46 3.47 -15.02
C ALA A 330 -11.28 4.71 -15.38
N LEU A 331 -10.94 5.87 -14.81
CA LEU A 331 -11.65 7.10 -15.16
C LEU A 331 -11.44 7.43 -16.63
N GLU A 332 -10.22 7.24 -17.14
CA GLU A 332 -9.94 7.49 -18.54
C GLU A 332 -10.81 6.60 -19.43
N LYS A 333 -10.92 5.31 -19.10
CA LYS A 333 -11.75 4.40 -19.88
C LYS A 333 -13.20 4.85 -19.89
N LEU A 334 -13.74 5.15 -18.71
CA LEU A 334 -15.11 5.67 -18.62
C LEU A 334 -15.27 6.94 -19.44
N PHE A 335 -14.39 7.92 -19.23
CA PHE A 335 -14.46 9.19 -19.95
C PHE A 335 -14.59 8.98 -21.46
N ILE A 336 -13.75 8.11 -22.03
CA ILE A 336 -13.71 7.92 -23.47
C ILE A 336 -15.04 7.38 -23.99
N ALA A 337 -15.65 6.47 -23.24
CA ALA A 337 -16.82 5.75 -23.71
C ALA A 337 -18.16 6.42 -23.37
N SER A 338 -18.16 7.52 -22.60
CA SER A 338 -19.40 8.03 -22.01
C SER A 338 -19.91 9.28 -22.71
N ASP A 339 -21.18 9.21 -23.13
CA ASP A 339 -21.84 10.36 -23.74
C ASP A 339 -21.86 11.55 -22.81
N ALA A 340 -21.97 11.32 -21.50
CA ALA A 340 -21.98 12.45 -20.57
C ALA A 340 -20.72 13.29 -20.71
N PHE A 341 -19.57 12.67 -21.02
CA PHE A 341 -18.35 13.44 -21.23
C PHE A 341 -18.22 13.93 -22.65
N LYS A 342 -18.73 13.19 -23.63
CA LYS A 342 -18.59 13.58 -25.03
C LYS A 342 -19.42 14.82 -25.36
N GLN A 343 -20.65 14.89 -24.82
CA GLN A 343 -21.53 16.02 -25.06
C GLN A 343 -20.98 17.31 -24.47
N LEU A 344 -19.84 17.21 -23.79
CA LEU A 344 -19.23 18.40 -23.21
C LEU A 344 -18.59 19.23 -24.33
N PRO A 345 -18.64 20.56 -24.22
CA PRO A 345 -17.93 21.39 -25.20
C PRO A 345 -16.46 21.06 -25.24
N LYS A 346 -15.88 21.13 -26.45
CA LYS A 346 -14.52 20.66 -26.68
C LYS A 346 -13.53 21.26 -25.70
N LYS A 347 -13.70 22.54 -25.36
CA LYS A 347 -12.76 23.15 -24.42
C LYS A 347 -12.79 22.44 -23.07
N ARG A 348 -13.98 22.33 -22.47
CA ARG A 348 -14.04 21.75 -21.13
C ARG A 348 -13.74 20.25 -21.15
N ARG A 349 -14.09 19.56 -22.24
CA ARG A 349 -13.81 18.14 -22.35
C ARG A 349 -12.31 17.87 -22.46
N ASP A 350 -11.61 18.67 -23.26
CA ASP A 350 -10.17 18.57 -23.34
C ASP A 350 -9.52 18.94 -22.01
N GLU A 351 -10.03 19.99 -21.35
CA GLU A 351 -9.47 20.40 -20.06
C GLU A 351 -9.66 19.31 -19.02
N LEU A 352 -10.74 18.55 -19.11
CA LEU A 352 -10.97 17.49 -18.14
C LEU A 352 -10.03 16.32 -18.40
N TRP A 353 -9.87 15.94 -19.66
CA TRP A 353 -8.93 14.88 -19.99
C TRP A 353 -7.52 15.25 -19.54
N ASP A 354 -7.10 16.50 -19.80
CA ASP A 354 -5.78 16.93 -19.39
C ASP A 354 -5.62 16.83 -17.89
N THR A 355 -6.68 17.18 -17.16
CA THR A 355 -6.63 17.11 -15.70
C THR A 355 -6.42 15.68 -15.22
N LEU A 356 -7.00 14.71 -15.91
CA LEU A 356 -6.74 13.30 -15.58
C LEU A 356 -5.28 12.92 -15.77
N GLN A 357 -4.55 13.63 -16.63
CA GLN A 357 -3.16 13.31 -16.88
C GLN A 357 -2.22 13.81 -15.80
N SER A 358 -2.73 14.50 -14.77
CA SER A 358 -1.87 15.21 -13.85
C SER A 358 -1.27 14.33 -12.75
N THR A 359 -1.76 13.11 -12.58
CA THR A 359 -1.17 12.17 -11.64
C THR A 359 -0.54 11.02 -12.41
N SER A 360 0.70 10.69 -12.07
CA SER A 360 1.42 9.65 -12.79
C SER A 360 0.96 8.27 -12.32
N ASN A 361 1.02 7.30 -13.23
CA ASN A 361 0.71 5.91 -12.91
C ASN A 361 1.98 5.23 -12.45
N GLN A 362 1.96 4.70 -11.21
CA GLN A 362 3.11 4.01 -10.63
C GLN A 362 2.83 2.51 -10.55
N PRO A 363 3.42 1.70 -11.41
CA PRO A 363 3.24 0.24 -11.26
C PRO A 363 3.93 -0.28 -10.02
N LEU A 364 3.33 -1.29 -9.41
CA LEU A 364 3.91 -2.01 -8.28
C LEU A 364 3.62 -3.50 -8.47
N LEU A 365 4.38 -4.34 -7.77
CA LEU A 365 4.05 -5.76 -7.76
C LEU A 365 4.41 -6.35 -6.41
N LYS A 366 3.70 -7.41 -6.05
CA LYS A 366 4.09 -8.24 -4.93
C LYS A 366 4.05 -9.69 -5.38
N ILE A 367 5.15 -10.40 -5.11
CA ILE A 367 5.24 -11.83 -5.35
C ILE A 367 5.49 -12.45 -4.00
N ASN A 368 4.59 -13.33 -3.57
CA ASN A 368 4.67 -13.94 -2.25
C ASN A 368 5.05 -15.40 -2.40
N LEU A 369 6.12 -15.81 -1.73
CA LEU A 369 6.57 -17.19 -1.75
C LEU A 369 6.47 -17.71 -0.33
N TYR A 370 5.64 -18.73 -0.15
CA TYR A 370 5.37 -19.32 1.16
C TYR A 370 6.22 -20.56 1.36
N TYR A 371 6.68 -20.76 2.58
CA TYR A 371 7.52 -21.89 2.92
C TYR A 371 6.97 -22.58 4.16
N ASP A 372 7.17 -23.90 4.22
CA ASP A 372 6.73 -24.67 5.37
C ASP A 372 7.48 -24.29 6.63
N THR A 373 8.73 -23.84 6.50
CA THR A 373 9.51 -23.28 7.60
C THR A 373 10.28 -22.10 7.03
N ALA A 374 10.79 -21.25 7.90
CA ALA A 374 11.60 -20.13 7.46
C ALA A 374 13.06 -20.58 7.40
N TRP A 375 13.77 -20.13 6.36
CA TRP A 375 15.14 -20.60 6.15
C TRP A 375 16.16 -19.47 6.27
N TRP A 376 15.78 -18.30 6.76
CA TRP A 376 16.68 -17.15 6.86
C TRP A 376 17.07 -16.84 8.29
N GLY A 377 16.66 -17.68 9.26
CA GLY A 377 17.16 -17.57 10.62
C GLY A 377 18.57 -18.14 10.73
N THR A 378 19.17 -17.95 11.91
CA THR A 378 20.57 -18.35 12.09
C THR A 378 20.73 -19.86 12.04
N GLY A 379 19.73 -20.61 12.52
CA GLY A 379 19.81 -22.06 12.44
C GLY A 379 19.95 -22.57 11.02
N MET A 380 19.44 -21.81 10.03
CA MET A 380 19.50 -22.25 8.64
C MET A 380 20.59 -21.55 7.81
N THR A 381 20.97 -20.32 8.17
CA THR A 381 22.02 -19.61 7.46
C THR A 381 23.39 -19.70 8.12
N GLY A 382 23.47 -19.98 9.42
CA GLY A 382 24.72 -19.78 10.12
C GLY A 382 25.15 -18.33 10.25
N ARG A 383 24.29 -17.37 9.85
CA ARG A 383 24.63 -15.95 9.88
C ARG A 383 23.62 -15.24 10.79
N PRO A 384 23.82 -13.97 11.17
CA PRO A 384 22.86 -13.34 12.08
C PRO A 384 21.43 -13.35 11.52
N ALA A 385 20.48 -13.71 12.39
CA ALA A 385 19.11 -13.98 11.97
C ALA A 385 18.42 -12.76 11.40
N VAL A 386 17.75 -12.94 10.26
CA VAL A 386 16.92 -11.90 9.66
C VAL A 386 15.51 -12.07 10.23
N SER A 387 14.91 -10.96 10.68
CA SER A 387 13.59 -11.04 11.32
C SER A 387 12.54 -10.29 10.54
N PHE A 388 12.57 -8.93 10.51
CA PHE A 388 11.48 -8.11 10.02
C PHE A 388 12.03 -6.92 9.25
N GLY A 389 11.21 -6.41 8.32
CA GLY A 389 11.57 -5.22 7.58
C GLY A 389 12.11 -5.52 6.19
N PRO A 390 12.41 -4.47 5.42
CA PRO A 390 12.85 -4.65 4.03
C PRO A 390 14.31 -5.08 3.94
N ASN A 391 14.58 -6.11 3.15
CA ASN A 391 15.91 -6.44 2.69
C ASN A 391 16.07 -5.86 1.28
N PHE A 392 16.91 -4.84 1.14
CA PHE A 392 17.00 -4.06 -0.08
C PHE A 392 18.10 -4.62 -0.99
N ALA A 393 17.91 -4.44 -2.29
CA ALA A 393 18.92 -4.91 -3.24
C ALA A 393 18.78 -4.12 -4.53
N ASP A 394 19.90 -3.97 -5.25
CA ASP A 394 19.83 -3.44 -6.62
C ASP A 394 19.52 -4.54 -7.64
N LEU A 395 19.14 -5.72 -7.16
CA LEU A 395 18.55 -6.76 -8.00
C LEU A 395 17.09 -6.42 -8.31
N PRO A 396 16.49 -7.07 -9.34
CA PRO A 396 15.08 -6.80 -9.68
C PRO A 396 14.12 -6.95 -8.51
N THR A 397 14.58 -7.71 -7.53
CA THR A 397 13.80 -7.96 -6.32
C THR A 397 13.35 -6.66 -5.64
N GLY A 398 14.18 -5.61 -5.68
CA GLY A 398 13.84 -4.34 -5.07
C GLY A 398 13.91 -4.38 -3.55
N SER A 399 12.84 -4.89 -2.93
CA SER A 399 12.78 -5.08 -1.49
C SER A 399 12.15 -6.45 -1.20
N VAL A 400 12.62 -7.09 -0.14
CA VAL A 400 12.07 -8.38 0.29
C VAL A 400 11.66 -8.29 1.76
N TYR A 401 10.40 -8.65 2.06
CA TYR A 401 9.82 -8.54 3.39
C TYR A 401 9.42 -9.91 3.92
N PRO A 402 9.86 -10.29 5.13
CA PRO A 402 9.39 -11.55 5.72
C PRO A 402 8.01 -11.41 6.38
N PHE A 403 7.26 -12.52 6.31
CA PHE A 403 6.00 -12.68 7.03
C PHE A 403 6.04 -13.98 7.78
N TYR A 404 5.46 -14.01 8.99
CA TYR A 404 5.46 -15.23 9.79
C TYR A 404 4.03 -15.71 10.05
N ALA A 405 3.92 -17.00 10.37
CA ALA A 405 2.65 -17.53 10.84
C ALA A 405 2.14 -16.70 12.02
N LEU A 406 0.81 -16.54 12.07
CA LEU A 406 0.18 -15.84 13.18
C LEU A 406 0.43 -16.58 14.47
N ASN A 407 0.84 -15.82 15.49
CA ASN A 407 1.22 -16.38 16.79
C ASN A 407 1.06 -15.30 17.84
N ASP A 408 0.20 -15.55 18.85
CA ASP A 408 -0.08 -14.53 19.85
C ASP A 408 1.17 -14.18 20.62
N GLU A 409 1.96 -15.18 20.98
CA GLU A 409 3.16 -14.93 21.76
C GLU A 409 4.14 -14.05 20.99
N LEU A 410 4.30 -14.32 19.69
CA LEU A 410 5.20 -13.51 18.88
C LEU A 410 4.73 -12.07 18.84
N ALA A 411 3.43 -11.85 18.66
CA ALA A 411 2.89 -10.49 18.56
C ALA A 411 3.08 -9.73 19.86
N ALA A 412 2.89 -10.40 20.99
CA ALA A 412 3.15 -9.78 22.29
C ALA A 412 4.62 -9.40 22.43
N ALA A 413 5.52 -10.31 22.02
CA ALA A 413 6.95 -10.01 22.08
C ALA A 413 7.30 -8.81 21.20
N LEU A 414 6.69 -8.71 20.02
CA LEU A 414 6.93 -7.55 19.18
C LEU A 414 6.34 -6.29 19.79
N MET A 415 5.19 -6.41 20.47
CA MET A 415 4.65 -5.27 21.19
C MET A 415 5.58 -4.82 22.29
N TYR A 416 6.10 -5.76 23.06
CA TYR A 416 7.13 -5.44 24.04
C TYR A 416 8.30 -4.74 23.37
N ASP A 417 8.74 -5.25 22.21
CA ASP A 417 9.93 -4.72 21.56
C ASP A 417 9.75 -3.27 21.14
N GLU A 418 8.55 -2.87 20.71
CA GLU A 418 8.43 -1.48 20.30
C GLU A 418 8.38 -0.51 21.49
N ARG A 419 8.36 -1.00 22.73
CA ARG A 419 8.61 -0.10 23.85
C ARG A 419 10.12 0.15 23.99
N HIS A 420 10.44 1.18 24.74
CA HIS A 420 11.83 1.48 25.08
C HIS A 420 12.31 0.71 26.31
N ALA A 421 11.58 -0.34 26.70
CA ALA A 421 11.92 -1.10 27.89
C ALA A 421 13.24 -1.84 27.70
N THR A 422 13.88 -2.16 28.82
CA THR A 422 15.15 -2.88 28.83
C THR A 422 14.93 -4.17 29.61
N PRO A 423 14.77 -5.31 28.95
CA PRO A 423 14.41 -6.54 29.68
C PRO A 423 15.51 -6.97 30.62
N ASN A 424 15.12 -7.57 31.73
CA ASN A 424 16.07 -8.22 32.61
C ASN A 424 16.47 -9.53 31.96
N PRO A 425 17.40 -10.29 32.55
CA PRO A 425 17.85 -11.51 31.87
C PRO A 425 16.78 -12.54 31.62
N ASP A 426 15.83 -12.75 32.53
CA ASP A 426 14.81 -13.76 32.31
C ASP A 426 13.82 -13.33 31.22
N THR A 427 13.44 -12.05 31.20
CA THR A 427 12.60 -11.56 30.12
C THR A 427 13.31 -11.67 28.77
N GLN A 428 14.58 -11.24 28.73
CA GLN A 428 15.36 -11.36 27.50
C GLN A 428 15.49 -12.80 27.04
N HIS A 429 15.57 -13.75 27.99
CA HIS A 429 15.71 -15.15 27.63
C HIS A 429 14.42 -15.69 27.00
N LYS A 430 13.26 -15.27 27.50
CA LYS A 430 12.01 -15.68 26.88
C LYS A 430 11.83 -15.05 25.52
N LEU A 431 12.17 -13.76 25.39
CA LEU A 431 12.21 -13.11 24.09
C LEU A 431 13.09 -13.88 23.11
N ASP A 432 14.25 -14.34 23.56
CA ASP A 432 15.16 -15.05 22.67
C ASP A 432 14.51 -16.31 22.12
N GLY A 433 13.86 -17.08 22.99
CA GLY A 433 13.21 -18.30 22.53
C GLY A 433 12.04 -18.00 21.61
N ILE A 434 11.38 -16.87 21.82
CA ILE A 434 10.26 -16.49 20.96
C ILE A 434 10.77 -16.08 19.58
N ASP A 435 11.80 -15.23 19.54
CA ASP A 435 12.37 -14.82 18.26
C ASP A 435 12.80 -16.03 17.43
N ALA A 436 13.36 -17.05 18.09
CA ALA A 436 13.89 -18.21 17.38
C ALA A 436 12.79 -19.16 16.91
N ALA A 437 11.68 -19.25 17.67
CA ALA A 437 10.62 -20.21 17.40
C ALA A 437 9.85 -19.91 16.12
N LYS A 438 9.83 -18.66 15.67
CA LYS A 438 9.06 -18.33 14.47
C LYS A 438 9.68 -18.94 13.22
N TYR A 439 10.96 -19.28 13.25
CA TYR A 439 11.58 -19.90 12.09
C TYR A 439 11.14 -21.36 11.92
N ALA A 440 10.59 -21.97 12.96
CA ALA A 440 10.17 -23.36 12.86
C ALA A 440 8.75 -23.50 12.36
N ARG A 441 8.05 -22.43 12.20
CA ARG A 441 6.70 -22.42 11.70
C ARG A 441 6.67 -21.93 10.26
N PRO A 442 5.57 -22.18 9.55
CA PRO A 442 5.45 -21.66 8.19
C PRO A 442 5.62 -20.14 8.15
N ALA A 443 6.08 -19.65 7.00
CA ALA A 443 6.43 -18.26 6.85
C ALA A 443 6.44 -17.94 5.36
N ALA A 444 6.68 -16.68 5.04
CA ALA A 444 6.67 -16.30 3.64
C ALA A 444 7.57 -15.10 3.46
N LEU A 445 8.01 -14.90 2.22
CA LEU A 445 8.70 -13.69 1.80
C LEU A 445 7.89 -13.01 0.71
N THR A 446 7.79 -11.69 0.79
CA THR A 446 7.22 -10.89 -0.27
C THR A 446 8.35 -10.20 -1.05
N ILE A 447 8.35 -10.37 -2.37
CA ILE A 447 9.12 -9.51 -3.26
C ILE A 447 8.23 -8.32 -3.62
N TYR A 448 8.75 -7.12 -3.37
CA TYR A 448 7.95 -5.89 -3.45
C TYR A 448 8.79 -4.84 -4.16
N CYS A 449 8.41 -4.47 -5.37
CA CYS A 449 9.21 -3.54 -6.16
C CYS A 449 8.30 -2.65 -7.00
N ASP A 450 8.93 -1.68 -7.66
CA ASP A 450 8.24 -0.64 -8.37
C ASP A 450 8.99 -0.37 -9.67
N TYR A 451 8.49 0.66 -10.36
CA TYR A 451 8.97 1.25 -11.61
C TYR A 451 9.96 0.40 -12.40
N LEU A 452 11.24 0.72 -12.29
CA LEU A 452 12.23 0.12 -13.18
C LEU A 452 12.26 -1.41 -13.11
N ASN A 453 11.84 -2.01 -11.99
CA ASN A 453 11.97 -3.45 -11.85
C ASN A 453 10.74 -4.23 -12.32
N ILE A 454 9.62 -3.55 -12.62
CA ILE A 454 8.40 -4.25 -13.00
C ILE A 454 8.63 -5.14 -14.21
N ASN A 455 9.23 -4.60 -15.28
CA ASN A 455 9.30 -5.32 -16.54
C ASN A 455 10.09 -6.62 -16.43
N PHE A 456 11.05 -6.69 -15.50
CA PHE A 456 11.80 -7.92 -15.31
C PHE A 456 10.87 -9.07 -14.94
N TRP A 457 9.89 -8.81 -14.06
CA TRP A 457 9.04 -9.88 -13.54
C TRP A 457 7.81 -10.16 -14.39
N SER A 458 7.22 -9.14 -15.03
CA SER A 458 6.02 -9.36 -15.84
C SER A 458 6.32 -10.28 -17.01
N ALA A 459 7.41 -10.02 -17.73
CA ALA A 459 7.82 -10.94 -18.78
C ALA A 459 8.08 -12.34 -18.23
N LEU A 460 8.64 -12.40 -17.02
CA LEU A 460 8.88 -13.69 -16.40
C LEU A 460 7.58 -14.36 -16.00
N GLN A 461 6.64 -13.58 -15.48
CA GLN A 461 5.40 -14.17 -14.98
C GLN A 461 4.56 -14.75 -16.09
N ASN A 462 4.61 -14.15 -17.29
CA ASN A 462 3.76 -14.58 -18.39
C ASN A 462 4.43 -15.58 -19.31
N LYS A 463 5.60 -16.10 -18.95
CA LYS A 463 6.33 -17.03 -19.80
C LYS A 463 6.24 -18.44 -19.22
N GLY A 464 6.09 -19.43 -20.11
CA GLY A 464 6.18 -20.80 -19.67
C GLY A 464 5.04 -21.19 -18.75
N GLU A 465 5.29 -22.21 -17.96
CA GLU A 465 4.23 -22.82 -17.16
C GLU A 465 4.28 -22.29 -15.73
N LEU A 466 3.14 -22.39 -15.05
CA LEU A 466 2.98 -21.85 -13.72
C LEU A 466 3.55 -22.82 -12.70
N TYR A 467 3.93 -22.27 -11.54
CA TYR A 467 4.54 -23.08 -10.50
C TYR A 467 3.48 -23.78 -9.65
N HIS A 468 3.73 -25.07 -9.39
CA HIS A 468 2.96 -25.76 -8.35
C HIS A 468 3.88 -26.77 -7.68
N HIS A 469 3.94 -26.66 -6.36
CA HIS A 469 4.64 -27.64 -5.56
C HIS A 469 3.84 -28.94 -5.57
N PRO A 470 4.48 -30.08 -5.84
CA PRO A 470 3.75 -31.36 -5.81
C PRO A 470 3.16 -31.62 -4.42
N HIS A 471 1.97 -32.21 -4.40
CA HIS A 471 1.25 -32.49 -3.15
C HIS A 471 0.90 -31.21 -2.41
N GLU A 472 0.57 -30.17 -3.19
CA GLU A 472 0.03 -28.93 -2.64
C GLU A 472 -1.17 -29.21 -1.75
N SER A 473 -2.12 -30.01 -2.26
CA SER A 473 -3.32 -30.34 -1.52
C SER A 473 -3.00 -30.92 -0.16
N GLU A 474 -1.91 -31.68 -0.05
CA GLU A 474 -1.56 -32.37 1.17
C GLU A 474 -1.04 -31.42 2.25
N LEU A 475 -0.65 -30.20 1.90
CA LEU A 475 -0.10 -29.29 2.90
C LEU A 475 -0.91 -28.02 3.07
N VAL A 476 -1.57 -27.51 2.04
CA VAL A 476 -2.38 -26.31 2.16
C VAL A 476 -3.84 -26.70 1.96
N GLU A 477 -4.65 -26.45 2.99
CA GLU A 477 -6.09 -26.69 3.02
C GLU A 477 -6.81 -26.31 1.73
N SER A 478 -7.28 -25.07 1.68
CA SER A 478 -7.81 -24.47 0.47
C SER A 478 -6.90 -23.32 0.06
N ILE A 479 -6.89 -23.01 -1.22
CA ILE A 479 -6.15 -21.87 -1.74
C ILE A 479 -7.18 -20.78 -2.07
N PRO A 480 -7.05 -19.58 -1.47
CA PRO A 480 -8.02 -18.51 -1.78
C PRO A 480 -8.07 -18.24 -3.27
N SER A 481 -9.25 -17.77 -3.72
CA SER A 481 -9.46 -17.52 -5.14
C SER A 481 -8.67 -16.33 -5.66
N ASP A 482 -8.27 -15.38 -4.81
CA ASP A 482 -7.51 -14.26 -5.32
C ASP A 482 -6.04 -14.60 -5.56
N ILE A 483 -5.64 -15.85 -5.37
CA ILE A 483 -4.25 -16.24 -5.53
C ILE A 483 -4.03 -16.78 -6.94
N PHE A 484 -3.26 -16.07 -7.72
CA PHE A 484 -2.76 -16.61 -8.97
C PHE A 484 -1.30 -17.01 -8.80
N PRO A 485 -0.89 -18.23 -9.16
CA PRO A 485 0.48 -18.68 -8.86
C PRO A 485 1.55 -17.94 -9.65
N ALA A 486 2.72 -17.80 -9.04
CA ALA A 486 3.89 -17.33 -9.77
C ALA A 486 4.29 -18.34 -10.85
N SER A 487 4.80 -17.83 -11.96
CA SER A 487 5.32 -18.72 -12.99
C SER A 487 6.54 -19.49 -12.46
N GLU A 488 6.78 -20.67 -13.06
CA GLU A 488 7.99 -21.42 -12.70
C GLU A 488 9.24 -20.56 -12.85
N ALA A 489 9.30 -19.74 -13.90
CA ALA A 489 10.46 -18.89 -14.12
C ALA A 489 10.61 -17.87 -13.00
N VAL A 490 9.50 -17.30 -12.53
CA VAL A 490 9.55 -16.35 -11.42
C VAL A 490 10.17 -16.99 -10.19
N VAL A 491 9.70 -18.20 -9.85
CA VAL A 491 10.21 -18.90 -8.68
C VAL A 491 11.69 -19.20 -8.84
N GLN A 492 12.07 -19.70 -10.01
CA GLN A 492 13.46 -20.00 -10.31
C GLN A 492 14.34 -18.78 -10.08
N GLN A 493 13.97 -17.63 -10.66
CA GLN A 493 14.80 -16.44 -10.54
C GLN A 493 14.76 -15.86 -9.12
N ALA A 494 13.58 -15.84 -8.49
CA ALA A 494 13.50 -15.35 -7.12
C ALA A 494 14.39 -16.19 -6.20
N THR A 495 14.40 -17.50 -6.40
CA THR A 495 15.22 -18.38 -5.56
C THR A 495 16.71 -18.05 -5.67
N GLN A 496 17.19 -17.74 -6.87
CA GLN A 496 18.60 -17.40 -7.04
C GLN A 496 18.92 -16.03 -6.41
N PHE A 497 18.02 -15.04 -6.55
CA PHE A 497 18.25 -13.76 -5.90
C PHE A 497 18.21 -13.88 -4.37
N PHE A 498 17.39 -14.80 -3.84
CA PHE A 498 17.38 -15.02 -2.40
C PHE A 498 18.72 -15.55 -1.90
N LYS A 499 19.34 -16.47 -2.64
CA LYS A 499 20.67 -16.95 -2.26
C LYS A 499 21.66 -15.79 -2.24
N ASP A 500 21.57 -14.89 -3.22
CA ASP A 500 22.41 -13.69 -3.24
C ASP A 500 22.17 -12.84 -1.99
N ILE A 501 20.91 -12.45 -1.78
CA ILE A 501 20.57 -11.49 -0.73
C ILE A 501 20.90 -12.05 0.65
N PHE A 502 20.43 -13.26 0.93
CA PHE A 502 20.59 -13.84 2.27
C PHE A 502 21.92 -14.56 2.44
N ASN A 503 22.80 -14.50 1.44
CA ASN A 503 24.14 -15.07 1.50
C ASN A 503 24.12 -16.51 1.98
N THR A 504 23.38 -17.35 1.26
CA THR A 504 23.20 -18.72 1.70
C THR A 504 23.08 -19.63 0.49
N HIS A 505 23.66 -20.83 0.60
CA HIS A 505 23.49 -21.83 -0.44
C HIS A 505 22.08 -22.40 -0.46
N TYR A 506 21.34 -22.29 0.65
CA TYR A 506 20.16 -23.10 0.91
C TYR A 506 18.91 -22.25 0.82
N VAL A 507 18.17 -22.40 -0.27
CA VAL A 507 16.85 -21.79 -0.40
C VAL A 507 15.93 -22.83 -1.01
N PRO A 508 15.01 -23.39 -0.24
CA PRO A 508 14.18 -24.49 -0.75
C PRO A 508 13.10 -23.98 -1.70
N GLN A 509 12.42 -24.93 -2.35
CA GLN A 509 11.30 -24.58 -3.20
C GLN A 509 10.11 -24.19 -2.33
N PRO A 510 9.29 -23.23 -2.76
CA PRO A 510 8.16 -22.80 -1.94
C PRO A 510 7.01 -23.80 -1.97
N THR A 511 6.22 -23.77 -0.91
CA THR A 511 5.05 -24.64 -0.90
C THR A 511 3.86 -24.00 -1.59
N LEU A 512 3.82 -22.68 -1.66
CA LEU A 512 2.71 -21.94 -2.27
C LEU A 512 3.25 -20.60 -2.72
N THR A 513 2.69 -20.07 -3.81
CA THR A 513 3.16 -18.82 -4.39
C THR A 513 1.98 -17.99 -4.91
N SER A 514 2.22 -16.69 -5.03
CA SER A 514 1.25 -15.78 -5.62
C SER A 514 1.99 -14.63 -6.26
N ALA A 515 1.47 -14.18 -7.40
CA ALA A 515 2.06 -13.09 -8.17
C ALA A 515 0.96 -12.08 -8.43
N ARG A 516 1.23 -10.82 -8.12
CA ARG A 516 0.24 -9.75 -8.33
C ARG A 516 0.97 -8.55 -8.89
N ILE A 517 0.70 -8.22 -10.14
CA ILE A 517 1.39 -7.16 -10.82
C ILE A 517 0.40 -6.00 -10.97
N TRP A 518 0.57 -4.98 -10.13
CA TRP A 518 -0.37 -3.85 -10.09
C TRP A 518 0.02 -2.85 -11.17
N GLU A 519 -0.38 -3.18 -12.39
CA GLU A 519 0.03 -2.47 -13.59
C GLU A 519 -1.18 -2.40 -14.50
N GLY A 520 -1.56 -1.19 -14.90
CA GLY A 520 -2.81 -1.01 -15.60
C GLY A 520 -2.83 -1.72 -16.95
N ASN A 521 -3.97 -2.32 -17.27
CA ASN A 521 -4.16 -3.09 -18.49
C ASN A 521 -5.08 -2.38 -19.47
N VAL A 522 -4.76 -2.45 -20.78
CA VAL A 522 -5.64 -1.92 -21.80
C VAL A 522 -5.85 -2.92 -22.95
N ASN A 523 -5.73 -4.21 -22.63
CA ASN A 523 -5.90 -5.28 -23.60
C ASN A 523 -7.17 -6.07 -23.27
N PHE A 524 -8.03 -6.28 -24.26
CA PHE A 524 -9.27 -7.00 -24.02
C PHE A 524 -9.07 -8.50 -23.83
N ASN A 525 -7.87 -9.04 -24.11
CA ASN A 525 -7.61 -10.47 -23.99
C ASN A 525 -7.41 -10.94 -22.56
N VAL A 526 -7.42 -10.04 -21.58
CA VAL A 526 -7.01 -10.40 -20.23
C VAL A 526 -8.22 -10.87 -19.44
N PRO A 527 -8.18 -12.09 -18.87
CA PRO A 527 -9.25 -12.54 -17.97
C PRO A 527 -9.56 -11.53 -16.88
N GLU A 528 -10.79 -11.57 -16.34
CA GLU A 528 -11.18 -10.57 -15.35
C GLU A 528 -10.27 -10.62 -14.12
N ASN A 529 -9.91 -11.83 -13.68
CA ASN A 529 -9.14 -12.02 -12.46
C ASN A 529 -7.64 -11.70 -12.64
N LEU A 530 -7.25 -11.21 -13.81
CA LEU A 530 -5.89 -10.74 -14.04
C LEU A 530 -5.85 -9.28 -14.42
N GLN A 531 -6.96 -8.55 -14.31
CA GLN A 531 -6.99 -7.12 -14.63
C GLN A 531 -6.84 -6.33 -13.34
N PHE A 532 -5.74 -5.60 -13.22
CA PHE A 532 -5.48 -4.78 -12.03
C PHE A 532 -5.04 -3.40 -12.46
N GLY A 533 -5.47 -2.38 -11.71
CA GLY A 533 -5.01 -1.03 -11.95
C GLY A 533 -3.58 -0.82 -11.47
N PHE A 534 -3.09 0.40 -11.67
CA PHE A 534 -1.73 0.73 -11.26
C PHE A 534 -1.64 0.72 -9.73
N GLY A 535 -0.50 0.23 -9.23
CA GLY A 535 -0.37 0.05 -7.80
C GLY A 535 -0.64 1.31 -7.02
N VAL A 536 -0.03 2.41 -7.43
CA VAL A 536 -0.23 3.66 -6.73
C VAL A 536 -0.14 4.80 -7.74
N HIS A 537 -0.29 6.04 -7.29
CA HIS A 537 -0.16 7.21 -8.17
C HIS A 537 0.57 8.31 -7.43
N GLN A 538 1.19 9.21 -8.19
CA GLN A 538 1.87 10.36 -7.59
C GLN A 538 1.87 11.52 -8.57
N TRP A 539 1.65 12.72 -8.03
CA TRP A 539 1.50 13.92 -8.83
C TRP A 539 2.66 14.12 -9.79
N ALA A 540 2.35 14.54 -11.01
CA ALA A 540 3.35 14.66 -12.06
C ALA A 540 4.04 16.03 -12.03
N ILE A 541 5.13 16.12 -12.79
CA ILE A 541 5.78 17.40 -13.07
C ILE A 541 4.73 18.40 -13.54
N GLY A 542 4.72 19.59 -12.94
CA GLY A 542 3.82 20.64 -13.37
C GLY A 542 2.40 20.57 -12.83
N ALA A 543 2.04 19.54 -12.07
CA ALA A 543 0.68 19.44 -11.56
C ALA A 543 0.50 20.38 -10.38
N ASN A 544 -0.42 21.32 -10.50
CA ASN A 544 -0.91 22.10 -9.35
C ASN A 544 -2.05 21.29 -8.76
N ASP A 545 -1.73 20.42 -7.80
CA ASP A 545 -2.73 19.46 -7.35
C ASP A 545 -3.83 20.13 -6.51
N LYS A 546 -3.56 21.30 -5.94
CA LYS A 546 -4.65 22.02 -5.28
C LYS A 546 -5.75 22.35 -6.28
N GLU A 547 -5.40 22.78 -7.49
CA GLU A 547 -6.42 23.02 -8.49
C GLU A 547 -7.00 21.71 -9.01
N VAL A 548 -6.17 20.69 -9.21
CA VAL A 548 -6.65 19.44 -9.78
C VAL A 548 -7.61 18.75 -8.83
N ILE A 549 -7.30 18.77 -7.54
CA ILE A 549 -8.12 18.06 -6.57
C ILE A 549 -9.53 18.65 -6.51
N GLU A 550 -9.63 19.97 -6.45
CA GLU A 550 -10.96 20.58 -6.36
C GLU A 550 -11.72 20.42 -7.69
N ASP A 551 -11.01 20.41 -8.82
CA ASP A 551 -11.67 20.22 -10.11
C ASP A 551 -12.27 18.82 -10.22
N LEU A 552 -11.71 17.84 -9.52
CA LEU A 552 -12.12 16.47 -9.72
C LEU A 552 -13.18 16.00 -8.71
N VAL A 553 -13.54 16.81 -7.72
CA VAL A 553 -14.60 16.41 -6.79
C VAL A 553 -15.91 16.15 -7.53
N GLU A 554 -16.39 17.14 -8.29
CA GLU A 554 -17.70 17.05 -8.95
C GLU A 554 -17.58 17.63 -10.36
N PRO A 555 -16.98 16.86 -11.28
CA PRO A 555 -16.65 17.42 -12.59
C PRO A 555 -17.87 17.73 -13.45
N LEU A 556 -18.96 17.00 -13.27
CA LEU A 556 -20.26 17.30 -13.85
C LEU A 556 -21.27 17.34 -12.71
N PRO A 557 -22.41 18.01 -12.90
CA PRO A 557 -23.40 18.09 -11.81
C PRO A 557 -23.84 16.70 -11.36
N ASN A 558 -23.64 16.43 -10.06
CA ASN A 558 -24.04 15.20 -9.38
C ASN A 558 -23.26 13.96 -9.80
N LEU A 559 -22.15 14.11 -10.53
CA LEU A 559 -21.25 13.01 -10.81
C LEU A 559 -19.93 13.32 -10.14
N PHE A 560 -19.47 12.42 -9.27
CA PHE A 560 -18.35 12.69 -8.39
C PHE A 560 -17.21 11.71 -8.65
N THR A 561 -15.99 12.17 -8.34
CA THR A 561 -14.77 11.39 -8.44
C THR A 561 -14.04 11.41 -7.11
N CYS A 562 -13.50 10.26 -6.69
CA CYS A 562 -12.62 10.27 -5.54
C CYS A 562 -11.87 8.96 -5.47
N GLY A 563 -10.79 8.97 -4.68
CA GLY A 563 -9.96 7.82 -4.44
C GLY A 563 -8.53 8.24 -4.19
N GLU A 564 -7.65 7.24 -4.15
CA GLU A 564 -6.24 7.51 -3.90
C GLU A 564 -5.61 8.33 -5.03
N ALA A 565 -5.89 7.96 -6.29
CA ALA A 565 -5.08 8.39 -7.42
C ALA A 565 -4.90 9.91 -7.47
N TYR A 566 -5.96 10.68 -7.20
CA TYR A 566 -5.90 12.14 -7.24
C TYR A 566 -6.04 12.74 -5.84
N SER A 567 -5.44 12.09 -4.84
CA SER A 567 -5.62 12.47 -3.47
C SER A 567 -4.45 13.28 -2.91
N ASP A 568 -4.65 13.69 -1.65
CA ASP A 568 -3.77 14.43 -0.76
C ASP A 568 -2.61 13.61 -0.23
N TYR A 569 -2.76 12.29 -0.23
CA TYR A 569 -1.89 11.38 0.50
C TYR A 569 -1.77 10.14 -0.37
N GLN A 570 -1.22 10.34 -1.55
CA GLN A 570 -1.03 9.25 -2.51
C GLN A 570 -0.12 8.17 -1.92
N GLY A 571 -0.37 6.93 -2.33
CA GLY A 571 0.30 5.80 -1.76
C GLY A 571 -0.45 5.09 -0.65
N TRP A 572 -1.47 5.73 -0.07
CA TRP A 572 -1.97 5.24 1.20
C TRP A 572 -3.49 5.26 1.26
N VAL A 573 -4.06 4.37 2.07
CA VAL A 573 -5.52 4.34 2.22
C VAL A 573 -6.04 5.70 2.65
N GLU A 574 -5.32 6.39 3.53
CA GLU A 574 -5.76 7.69 4.01
C GLU A 574 -6.02 8.66 2.85
N GLY A 575 -5.28 8.53 1.75
CA GLY A 575 -5.55 9.36 0.59
C GLY A 575 -6.92 9.10 0.00
N ALA A 576 -7.27 7.82 -0.19
CA ALA A 576 -8.60 7.47 -0.65
C ALA A 576 -9.67 8.05 0.28
N LEU A 577 -9.48 7.91 1.60
CA LEU A 577 -10.47 8.40 2.54
C LEU A 577 -10.63 9.92 2.47
N ARG A 578 -9.51 10.66 2.41
CA ARG A 578 -9.60 12.11 2.40
C ARG A 578 -10.21 12.61 1.10
N SER A 579 -9.85 11.97 -0.03
CA SER A 579 -10.44 12.32 -1.30
C SER A 579 -11.95 12.09 -1.30
N THR A 580 -12.39 10.97 -0.72
CA THR A 580 -13.81 10.67 -0.66
C THR A 580 -14.55 11.65 0.24
N ASP A 581 -13.93 12.04 1.36
CA ASP A 581 -14.52 13.04 2.23
C ASP A 581 -14.88 14.31 1.48
N LEU A 582 -14.06 14.71 0.50
CA LEU A 582 -14.35 15.92 -0.26
C LEU A 582 -15.64 15.75 -1.07
N VAL A 583 -15.87 14.55 -1.58
CA VAL A 583 -17.14 14.25 -2.24
C VAL A 583 -18.27 14.26 -1.22
N LEU A 584 -18.04 13.64 -0.07
CA LEU A 584 -19.07 13.57 0.96
C LEU A 584 -19.43 14.95 1.47
N GLN A 585 -18.44 15.85 1.54
CA GLN A 585 -18.74 17.23 1.91
C GLN A 585 -19.57 17.92 0.84
N LYS A 586 -19.07 17.96 -0.41
CA LYS A 586 -19.65 18.85 -1.41
C LYS A 586 -21.00 18.33 -1.89
N GLY A 587 -21.13 17.03 -2.08
CA GLY A 587 -22.38 16.49 -2.53
C GLY A 587 -23.36 16.14 -1.44
N PHE A 588 -22.93 16.13 -0.16
CA PHE A 588 -23.85 15.62 0.86
C PHE A 588 -23.74 16.30 2.21
N GLY A 589 -22.96 17.37 2.38
CA GLY A 589 -22.90 18.06 3.67
C GLY A 589 -22.14 17.38 4.79
N LEU A 590 -21.55 16.20 4.58
CA LEU A 590 -20.81 15.53 5.66
C LEU A 590 -19.43 16.15 5.86
N ALA A 591 -19.13 16.54 7.09
CA ALA A 591 -17.80 17.03 7.43
C ALA A 591 -16.80 15.87 7.45
N PRO A 592 -15.49 16.15 7.44
CA PRO A 592 -14.50 15.06 7.45
C PRO A 592 -14.69 14.15 8.66
N LEU A 593 -14.49 12.85 8.44
CA LEU A 593 -14.70 11.87 9.50
C LEU A 593 -13.88 12.21 10.73
N SER A 594 -12.62 12.62 10.54
CA SER A 594 -11.77 12.90 11.69
C SER A 594 -12.34 14.02 12.52
N GLU A 595 -12.91 15.03 11.88
CA GLU A 595 -13.53 16.10 12.62
C GLU A 595 -14.85 15.65 13.25
N VAL A 596 -15.62 14.82 12.53
CA VAL A 596 -16.83 14.25 13.12
C VAL A 596 -16.47 13.38 14.31
N TYR A 597 -15.40 12.60 14.21
CA TYR A 597 -14.95 11.81 15.34
C TYR A 597 -14.64 12.69 16.54
N GLU A 598 -13.95 13.81 16.32
CA GLU A 598 -13.52 14.64 17.45
C GLU A 598 -14.70 15.24 18.18
N GLN A 599 -15.69 15.70 17.45
CA GLN A 599 -16.86 16.31 18.08
C GLN A 599 -17.66 15.27 18.85
N ASP A 600 -17.75 14.04 18.34
CA ASP A 600 -18.48 13.00 19.05
C ASP A 600 -17.71 12.44 20.24
N GLN A 601 -16.39 12.53 20.23
CA GLN A 601 -15.58 11.87 21.25
C GLN A 601 -14.88 12.83 22.20
N GLY A 602 -14.72 14.10 21.83
CA GLY A 602 -14.00 15.04 22.67
C GLY A 602 -12.50 14.95 22.58
N ARG A 603 -11.96 14.15 21.66
CA ARG A 603 -10.53 14.04 21.45
C ARG A 603 -10.32 13.54 20.02
N SER A 604 -9.06 13.55 19.59
CA SER A 604 -8.73 13.17 18.22
C SER A 604 -8.70 11.65 18.08
N SER A 605 -8.86 11.19 16.83
CA SER A 605 -8.69 9.78 16.56
C SER A 605 -7.26 9.34 16.83
N SER A 606 -6.29 10.23 16.62
CA SER A 606 -4.90 9.90 16.91
C SER A 606 -4.72 9.61 18.39
N GLU A 607 -5.13 10.54 19.25
CA GLU A 607 -5.01 10.31 20.67
C GLU A 607 -5.79 9.08 21.08
N ALA A 608 -7.02 8.94 20.58
CA ALA A 608 -7.84 7.78 20.96
C ALA A 608 -7.15 6.47 20.57
N ILE A 609 -6.61 6.40 19.34
CA ILE A 609 -6.03 5.13 18.89
C ILE A 609 -4.76 4.82 19.69
N GLN A 610 -3.98 5.84 20.03
CA GLN A 610 -2.77 5.60 20.81
C GLN A 610 -3.11 5.01 22.17
N ILE A 611 -4.10 5.58 22.83
CA ILE A 611 -4.50 5.13 24.16
C ILE A 611 -5.03 3.69 24.11
N ALA A 612 -5.93 3.43 23.16
CA ALA A 612 -6.50 2.09 23.09
C ALA A 612 -5.43 1.05 22.80
N TYR A 613 -4.50 1.36 21.89
CA TYR A 613 -3.44 0.41 21.56
C TYR A 613 -2.52 0.18 22.76
N ARG A 614 -2.16 1.26 23.46
CA ARG A 614 -1.37 1.13 24.68
C ARG A 614 -2.00 0.15 25.65
N LYS A 615 -3.33 0.16 25.76
CA LYS A 615 -4.01 -0.75 26.68
C LYS A 615 -3.92 -2.19 26.20
N ILE A 616 -4.28 -2.43 24.93
CA ILE A 616 -4.14 -3.75 24.32
C ILE A 616 -2.69 -4.25 24.42
N SER A 617 -1.74 -3.39 24.09
CA SER A 617 -0.32 -3.76 24.16
C SER A 617 0.09 -4.16 25.57
N ASN A 618 -0.23 -3.30 26.55
CA ASN A 618 0.10 -3.59 27.95
C ASN A 618 -0.42 -4.94 28.37
N LYS A 619 -1.68 -5.25 28.02
CA LYS A 619 -2.25 -6.52 28.44
C LYS A 619 -1.58 -7.70 27.75
N MET A 620 -1.26 -7.55 26.45
CA MET A 620 -0.57 -8.62 25.75
C MET A 620 0.80 -8.88 26.37
N ILE A 621 1.51 -7.82 26.72
CA ILE A 621 2.84 -7.96 27.30
C ILE A 621 2.78 -8.69 28.64
N MET A 622 1.86 -8.25 29.52
CA MET A 622 1.74 -8.89 30.83
C MET A 622 1.26 -10.33 30.72
N GLU A 623 0.41 -10.60 29.72
CA GLU A 623 -0.12 -11.95 29.54
C GLU A 623 0.94 -12.92 28.99
N TYR A 624 1.84 -12.46 28.11
CA TYR A 624 2.76 -13.37 27.43
C TYR A 624 4.24 -13.16 27.74
N ILE A 625 4.66 -11.96 28.10
CA ILE A 625 6.09 -11.66 28.15
C ILE A 625 6.59 -11.48 29.59
N ASP A 626 6.19 -10.40 30.25
CA ASP A 626 6.69 -10.01 31.56
C ASP A 626 5.50 -9.69 32.46
N PRO A 627 5.07 -10.63 33.29
CA PRO A 627 3.92 -10.36 34.18
C PRO A 627 4.11 -9.15 35.09
N ASN A 628 5.34 -8.71 35.33
CA ASN A 628 5.59 -7.56 36.19
C ASN A 628 6.06 -6.36 35.39
N PHE A 629 5.33 -5.98 34.35
CA PHE A 629 5.79 -4.97 33.41
C PHE A 629 5.38 -3.56 33.86
N SER A 630 6.31 -2.62 33.68
CA SER A 630 6.10 -1.17 33.80
C SER A 630 4.64 -0.72 33.62
#